data_4Y2Y
#
_entry.id   4Y2Y
#
_cell.length_a   92.673
_cell.length_b   92.673
_cell.length_c   243.751
_cell.angle_alpha   90.00
_cell.angle_beta   90.00
_cell.angle_gamma   120.00
#
_symmetry.space_group_name_H-M   'P 65 2 2'
#
loop_
_entity.id
_entity.type
_entity.pdbx_description
1 polymer 'Bifunctional epoxide hydrolase 2'
2 non-polymer 'MAGNESIUM ION'
3 non-polymer 2-(2-fluorophenyl)-N-[(5-methylthiophen-2-yl)methyl]ethanamine
4 water water
#
_entity_poly.entity_id   1
_entity_poly.type   'polypeptide(L)'
_entity_poly.pdbx_seq_one_letter_code
;MTLRAAVFDLDGVLALPAVFGVLGRTEEALALPRGLLNDAFQKGGPEGATTRLMKGEITLSQWIPLMEENCRKCSETAKV
CLPKNFSIKEIFDKAISARKINRPMLQAALMLRKKGFTTAILTNTWLDDRAERDGLAQLMCELKMHFDFLIESCQVGMVK
PEPQIYKFLLDTLKASPSEVVFLDDIGANLKPARDLGMVTILVQDTDTALKELEKVTGIQLLNTPAPLPTSCNPSDMSHG
YVTVKPRVRLHFVELGSGPAVCLCHGFPESWYSWRYQIPALAQAGYRVLAMDMKGYGESSAPPEIEEYCMEVLCKEMVTF
LDKLGLSQAVFIGHDWGGMLVWYMALFYPERVRAVASLNTPFIPANPNMSPLESIKANPVFDYQLYFQEPGVAEAELEQN
LSRTFKSLFRASDESVLSMHKVCEAGGLFVNSPEEPSLSRMVTEEEIQFYVQQFKKSGFRGPLNWYRNMERNWKWACKSL
GRKILIPALMVTAEKDFVLVPQMSQHMEDWIPHLKRGHIEDCGHWTQMDKPTEVNQILIKWLDSDARNPPVVSKMHHHHH
H
;
_entity_poly.pdbx_strand_id   A
#
loop_
_chem_comp.id
_chem_comp.type
_chem_comp.name
_chem_comp.formula
49Z non-polymer 2-(2-fluorophenyl)-N-[(5-methylthiophen-2-yl)methyl]ethanamine 'C14 H16 F N S'
MG non-polymer 'MAGNESIUM ION' 'Mg 2'
#
# COMPACT_ATOMS: atom_id res chain seq x y z
N THR A 2 32.25 0.23 -2.97
CA THR A 2 32.81 1.46 -2.32
C THR A 2 31.77 2.60 -2.21
N LEU A 3 30.90 2.73 -3.22
CA LEU A 3 29.75 3.65 -3.20
C LEU A 3 28.72 3.08 -2.28
N ARG A 4 28.15 3.92 -1.41
CA ARG A 4 27.30 3.46 -0.31
C ARG A 4 26.04 4.31 -0.18
N ALA A 5 26.00 5.43 -0.89
CA ALA A 5 24.89 6.34 -0.75
C ALA A 5 24.48 6.84 -2.12
N ALA A 6 23.18 7.04 -2.33
CA ALA A 6 22.73 7.65 -3.59
C ALA A 6 21.81 8.83 -3.32
N VAL A 7 22.00 9.93 -4.05
CA VAL A 7 21.25 11.15 -3.77
C VAL A 7 20.63 11.63 -5.04
N PHE A 8 19.34 11.88 -4.96
CA PHE A 8 18.51 12.22 -6.08
C PHE A 8 17.93 13.60 -5.90
N ASP A 9 17.82 14.35 -6.99
CA ASP A 9 17.05 15.56 -6.96
C ASP A 9 15.57 15.18 -7.21
N LEU A 10 14.65 16.09 -6.99
CA LEU A 10 13.24 15.85 -7.27
C LEU A 10 12.83 16.27 -8.69
N ASP A 11 12.86 17.56 -8.97
CA ASP A 11 12.51 18.11 -10.28
C ASP A 11 13.51 17.65 -11.34
N GLY A 12 13.04 16.89 -12.34
CA GLY A 12 13.87 16.47 -13.47
C GLY A 12 14.56 15.13 -13.25
N VAL A 13 14.40 14.58 -12.04
CA VAL A 13 15.06 13.35 -11.72
C VAL A 13 14.03 12.37 -11.14
N LEU A 14 13.50 12.62 -9.94
CA LEU A 14 12.39 11.76 -9.42
C LEU A 14 10.95 12.19 -9.84
N ALA A 15 10.80 13.41 -10.40
CA ALA A 15 9.51 13.86 -10.93
C ALA A 15 9.69 14.52 -12.30
N LEU A 16 8.84 14.12 -13.24
CA LEU A 16 8.79 14.65 -14.59
C LEU A 16 7.35 14.95 -14.97
N PRO A 17 7.15 15.99 -15.82
CA PRO A 17 8.21 16.88 -16.33
C PRO A 17 8.65 17.93 -15.30
N ALA A 18 9.87 18.48 -15.46
CA ALA A 18 10.42 19.52 -14.57
C ALA A 18 9.70 20.87 -14.71
N VAL A 19 9.65 21.69 -13.65
CA VAL A 19 9.01 23.04 -13.75
C VAL A 19 9.77 24.12 -14.57
N PHE A 20 11.09 24.01 -14.69
CA PHE A 20 11.88 24.81 -15.66
C PHE A 20 11.41 24.58 -17.11
N GLY A 21 10.88 23.39 -17.38
CA GLY A 21 10.43 23.00 -18.71
C GLY A 21 9.16 23.70 -19.09
N VAL A 22 8.36 24.03 -18.09
CA VAL A 22 7.15 24.83 -18.28
C VAL A 22 7.48 26.31 -18.56
N LEU A 23 8.59 26.79 -18.03
CA LEU A 23 9.06 28.12 -18.42
C LEU A 23 9.33 28.19 -19.94
N GLY A 24 10.10 27.20 -20.44
CA GLY A 24 10.49 27.15 -21.84
C GLY A 24 9.35 26.84 -22.81
N ARG A 25 8.48 25.91 -22.42
CA ARG A 25 7.39 25.51 -23.31
C ARG A 25 6.31 26.59 -23.38
N THR A 26 6.07 27.25 -22.25
CA THR A 26 5.17 28.42 -22.20
C THR A 26 5.66 29.46 -23.20
N GLU A 27 6.91 29.94 -23.06
CA GLU A 27 7.60 30.82 -24.04
C GLU A 27 7.26 30.43 -25.49
N GLU A 28 7.53 29.17 -25.84
CA GLU A 28 7.20 28.61 -27.15
C GLU A 28 5.73 28.71 -27.48
N ALA A 29 4.89 28.18 -26.59
CA ALA A 29 3.42 28.16 -26.76
C ALA A 29 2.86 29.56 -26.97
N LEU A 30 3.47 30.55 -26.31
CA LEU A 30 2.98 31.93 -26.36
C LEU A 30 3.79 32.82 -27.32
N ALA A 31 4.74 32.19 -28.02
CA ALA A 31 5.65 32.89 -28.92
C ALA A 31 6.30 34.14 -28.30
N LEU A 32 6.76 34.03 -27.05
CA LEU A 32 7.58 35.10 -26.42
C LEU A 32 9.05 34.86 -26.76
N PRO A 33 9.88 35.94 -26.60
CA PRO A 33 11.34 35.85 -26.66
C PRO A 33 11.83 34.64 -25.92
N ARG A 34 12.60 33.81 -26.60
CA ARG A 34 13.19 32.61 -26.03
C ARG A 34 13.97 33.02 -24.80
N GLY A 35 13.77 32.25 -23.71
CA GLY A 35 14.51 32.47 -22.46
C GLY A 35 13.91 33.52 -21.53
N LEU A 36 13.11 34.43 -22.06
CA LEU A 36 12.47 35.51 -21.29
C LEU A 36 11.95 35.11 -19.90
N LEU A 37 11.15 34.03 -19.82
CA LEU A 37 10.62 33.57 -18.52
C LEU A 37 11.69 33.02 -17.59
N ASN A 38 12.66 32.31 -18.16
CA ASN A 38 13.81 31.82 -17.40
C ASN A 38 14.74 32.93 -16.91
N ASP A 39 14.72 34.09 -17.59
CA ASP A 39 15.52 35.26 -17.14
C ASP A 39 14.79 35.89 -15.97
N ALA A 40 13.48 36.13 -16.15
CA ALA A 40 12.64 36.64 -15.07
C ALA A 40 12.74 35.76 -13.80
N PHE A 41 12.62 34.44 -13.99
CA PHE A 41 12.81 33.45 -12.92
C PHE A 41 14.15 33.59 -12.21
N GLN A 42 15.24 33.81 -12.94
CA GLN A 42 16.55 33.85 -12.31
C GLN A 42 16.97 35.27 -11.90
N LYS A 43 16.09 36.25 -12.10
CA LYS A 43 16.45 37.64 -11.90
C LYS A 43 17.03 38.01 -10.51
N GLY A 44 18.23 38.59 -10.52
CA GLY A 44 18.88 38.98 -9.31
C GLY A 44 19.83 37.93 -8.77
N GLY A 45 19.69 36.68 -9.20
CA GLY A 45 20.60 35.62 -8.74
C GLY A 45 20.54 35.39 -7.22
N PRO A 46 21.72 35.25 -6.56
CA PRO A 46 21.81 35.00 -5.10
C PRO A 46 20.91 35.89 -4.24
N GLU A 47 20.71 37.14 -4.65
CA GLU A 47 19.82 38.05 -3.92
C GLU A 47 18.47 38.32 -4.59
N GLY A 48 18.07 37.50 -5.55
CA GLY A 48 16.78 37.69 -6.20
C GLY A 48 15.61 36.96 -5.53
N ALA A 49 14.40 37.35 -5.92
CA ALA A 49 13.19 36.75 -5.35
C ALA A 49 13.25 35.21 -5.34
N THR A 50 13.57 34.60 -6.48
CA THR A 50 13.59 33.17 -6.53
C THR A 50 14.49 32.51 -5.44
N THR A 51 15.66 33.07 -5.15
CA THR A 51 16.56 32.44 -4.13
C THR A 51 15.98 32.51 -2.72
N ARG A 52 15.30 33.61 -2.46
CA ARG A 52 14.62 33.80 -1.20
C ARG A 52 13.49 32.79 -1.00
N LEU A 53 12.73 32.50 -2.07
CA LEU A 53 11.83 31.37 -2.10
C LEU A 53 12.53 30.07 -1.69
N MET A 54 13.63 29.77 -2.36
CA MET A 54 14.19 28.43 -2.26
C MET A 54 14.81 28.26 -0.87
N LYS A 55 15.23 29.38 -0.30
CA LYS A 55 15.80 29.45 1.05
C LYS A 55 14.74 29.49 2.16
N GLY A 56 13.47 29.64 1.80
CA GLY A 56 12.39 29.55 2.78
C GLY A 56 12.14 30.89 3.47
N GLU A 57 12.65 32.00 2.89
CA GLU A 57 12.41 33.33 3.43
C GLU A 57 11.00 33.83 3.14
N ILE A 58 10.47 33.50 1.96
CA ILE A 58 9.13 33.89 1.53
C ILE A 58 8.34 32.66 1.01
N THR A 59 7.02 32.69 1.10
CA THR A 59 6.22 31.58 0.62
C THR A 59 5.98 31.71 -0.88
N LEU A 60 5.62 30.58 -1.51
CA LEU A 60 5.26 30.54 -2.89
C LEU A 60 4.32 31.69 -3.21
N SER A 61 3.25 31.86 -2.44
CA SER A 61 2.25 32.87 -2.81
C SER A 61 2.77 34.29 -2.76
N GLN A 62 3.74 34.53 -1.88
CA GLN A 62 4.38 35.83 -1.78
C GLN A 62 5.30 36.04 -2.99
N TRP A 63 5.88 34.95 -3.51
CA TRP A 63 6.78 35.01 -4.64
C TRP A 63 6.02 35.34 -5.93
N ILE A 64 4.85 34.75 -6.10
CA ILE A 64 4.13 34.87 -7.35
C ILE A 64 4.10 36.31 -7.91
N PRO A 65 3.69 37.32 -7.10
CA PRO A 65 3.75 38.68 -7.65
C PRO A 65 5.15 39.28 -7.85
N LEU A 66 6.18 38.76 -7.18
CA LEU A 66 7.56 39.19 -7.53
C LEU A 66 7.93 38.68 -8.92
N MET A 67 7.64 37.41 -9.22
CA MET A 67 7.96 36.84 -10.53
C MET A 67 7.21 37.60 -11.63
N GLU A 68 5.95 37.97 -11.38
CA GLU A 68 5.22 38.96 -12.18
C GLU A 68 6.05 40.21 -12.54
N GLU A 69 6.48 40.92 -11.48
CA GLU A 69 7.33 42.10 -11.60
C GLU A 69 8.56 41.81 -12.47
N ASN A 70 9.21 40.68 -12.22
CA ASN A 70 10.37 40.30 -13.02
C ASN A 70 10.08 40.10 -14.51
N CYS A 71 8.93 39.51 -14.82
CA CYS A 71 8.53 39.23 -16.19
C CYS A 71 8.20 40.52 -16.86
N ARG A 72 7.40 41.37 -16.20
CA ARG A 72 7.14 42.73 -16.63
C ARG A 72 8.48 43.47 -17.01
N LYS A 73 9.47 43.51 -16.12
CA LYS A 73 10.77 44.15 -16.41
C LYS A 73 11.63 43.51 -17.56
N CYS A 74 11.70 42.17 -17.60
CA CYS A 74 12.43 41.43 -18.64
C CYS A 74 11.84 41.66 -20.05
N SER A 75 10.52 41.82 -20.10
CA SER A 75 9.78 42.04 -21.36
C SER A 75 9.89 43.49 -21.80
N GLU A 76 9.96 44.39 -20.82
CA GLU A 76 10.24 45.80 -21.11
C GLU A 76 11.61 45.93 -21.78
N THR A 77 12.65 45.38 -21.15
CA THR A 77 14.02 45.51 -21.69
C THR A 77 14.23 44.87 -23.10
N ALA A 78 13.57 43.74 -23.38
CA ALA A 78 13.57 43.10 -24.73
C ALA A 78 12.48 43.69 -25.66
N LYS A 79 11.89 44.82 -25.24
CA LYS A 79 10.90 45.60 -26.00
C LYS A 79 9.78 44.75 -26.68
N VAL A 80 9.04 44.00 -25.84
CA VAL A 80 7.90 43.14 -26.24
C VAL A 80 6.77 43.24 -25.19
N CYS A 81 5.54 42.87 -25.58
CA CYS A 81 4.39 42.87 -24.67
C CYS A 81 4.04 41.46 -24.19
N LEU A 82 3.43 41.37 -23.00
CA LEU A 82 2.94 40.08 -22.50
C LEU A 82 1.44 39.96 -22.79
N PRO A 83 0.97 38.74 -23.16
CA PRO A 83 -0.43 38.50 -23.61
C PRO A 83 -1.51 38.87 -22.60
N LYS A 84 -2.72 39.03 -23.10
CA LYS A 84 -3.89 39.32 -22.27
C LYS A 84 -4.15 38.08 -21.45
N ASN A 85 -4.37 38.31 -20.16
CA ASN A 85 -4.59 37.23 -19.17
C ASN A 85 -3.33 36.42 -18.84
N PHE A 86 -2.15 36.90 -19.26
CA PHE A 86 -0.89 36.22 -18.91
C PHE A 86 -0.76 36.07 -17.40
N SER A 87 -0.69 34.81 -16.94
CA SER A 87 -0.77 34.48 -15.50
C SER A 87 0.28 33.48 -14.97
N ILE A 88 1.14 33.96 -14.07
CA ILE A 88 2.17 33.12 -13.45
C ILE A 88 1.60 32.06 -12.47
N LYS A 89 0.54 32.42 -11.74
CA LYS A 89 -0.19 31.45 -10.92
C LYS A 89 -0.69 30.35 -11.86
N GLU A 90 -1.38 30.74 -12.93
CA GLU A 90 -1.89 29.79 -13.92
C GLU A 90 -0.80 28.82 -14.43
N ILE A 91 0.25 29.39 -15.01
CA ILE A 91 1.41 28.64 -15.48
C ILE A 91 2.00 27.68 -14.42
N PHE A 92 2.20 28.17 -13.19
CA PHE A 92 2.76 27.31 -12.16
C PHE A 92 1.79 26.25 -11.64
N ASP A 93 0.52 26.58 -11.42
CA ASP A 93 -0.45 25.59 -10.95
C ASP A 93 -0.38 24.38 -11.87
N LYS A 94 -0.46 24.66 -13.17
CA LYS A 94 -0.40 23.70 -14.29
C LYS A 94 0.91 22.88 -14.33
N ALA A 95 2.08 23.53 -14.34
CA ALA A 95 3.38 22.85 -14.19
C ALA A 95 3.39 21.81 -13.05
N ILE A 96 2.99 22.28 -11.86
CA ILE A 96 3.07 21.51 -10.64
C ILE A 96 2.13 20.32 -10.64
N SER A 97 0.86 20.50 -11.02
CA SER A 97 0.04 19.31 -11.26
C SER A 97 0.56 18.40 -12.39
N ALA A 98 1.25 18.93 -13.40
CA ALA A 98 1.73 18.05 -14.49
C ALA A 98 2.81 17.09 -14.03
N ARG A 99 3.73 17.54 -13.16
CA ARG A 99 4.84 16.63 -12.76
C ARG A 99 4.39 15.39 -11.97
N LYS A 100 4.77 14.20 -12.44
CA LYS A 100 4.41 12.95 -11.78
C LYS A 100 5.71 12.32 -11.39
N ILE A 101 5.65 11.23 -10.64
CA ILE A 101 6.84 10.47 -10.24
C ILE A 101 7.36 9.74 -11.47
N ASN A 102 8.64 9.92 -11.77
CA ASN A 102 9.32 9.15 -12.78
C ASN A 102 9.46 7.77 -12.16
N ARG A 103 8.57 6.86 -12.56
CA ARG A 103 8.51 5.52 -11.96
C ARG A 103 9.83 4.76 -12.06
N PRO A 104 10.56 4.87 -13.19
CA PRO A 104 11.78 4.03 -13.26
C PRO A 104 12.93 4.55 -12.35
N MET A 105 12.91 5.84 -12.05
CA MET A 105 13.89 6.44 -11.18
C MET A 105 13.57 6.06 -9.71
N LEU A 106 12.32 6.22 -9.31
CA LEU A 106 11.88 5.66 -8.05
C LEU A 106 12.28 4.19 -7.94
N GLN A 107 11.98 3.38 -8.97
CA GLN A 107 12.33 1.94 -8.84
C GLN A 107 13.83 1.73 -8.64
N ALA A 108 14.69 2.45 -9.37
CA ALA A 108 16.14 2.34 -9.18
C ALA A 108 16.54 2.74 -7.75
N ALA A 109 16.04 3.87 -7.27
CA ALA A 109 16.32 4.29 -5.89
C ALA A 109 15.96 3.17 -4.91
N LEU A 110 14.79 2.57 -5.16
CA LEU A 110 14.28 1.47 -4.33
C LEU A 110 15.21 0.28 -4.32
N MET A 111 15.60 -0.15 -5.50
CA MET A 111 16.54 -1.25 -5.64
C MET A 111 17.89 -1.04 -4.90
N LEU A 112 18.48 0.17 -5.01
CA LEU A 112 19.73 0.49 -4.31
C LEU A 112 19.54 0.54 -2.80
N ARG A 113 18.38 1.00 -2.37
CA ARG A 113 18.11 0.99 -0.93
C ARG A 113 18.07 -0.46 -0.49
N LYS A 114 17.38 -1.29 -1.26
CA LYS A 114 17.27 -2.70 -0.91
C LYS A 114 18.63 -3.37 -0.80
N LYS A 115 19.53 -3.13 -1.74
CA LYS A 115 20.87 -3.74 -1.67
C LYS A 115 21.77 -3.04 -0.65
N GLY A 116 21.25 -2.09 0.12
CA GLY A 116 22.09 -1.51 1.15
C GLY A 116 22.47 -0.04 1.10
N PHE A 117 22.29 0.64 -0.04
CA PHE A 117 22.52 2.10 -0.07
C PHE A 117 21.68 2.90 0.91
N THR A 118 22.27 4.02 1.34
CA THR A 118 21.54 5.05 2.04
C THR A 118 21.09 5.97 0.92
N THR A 119 19.80 6.27 0.87
CA THR A 119 19.30 7.11 -0.21
C THR A 119 18.75 8.44 0.30
N ALA A 120 18.83 9.46 -0.53
CA ALA A 120 18.36 10.79 -0.15
C ALA A 120 17.74 11.54 -1.31
N ILE A 121 16.80 12.41 -1.01
CA ILE A 121 16.36 13.42 -1.97
C ILE A 121 16.95 14.73 -1.45
N LEU A 122 17.66 15.45 -2.33
CA LEU A 122 18.10 16.80 -2.05
C LEU A 122 17.46 17.68 -3.11
N THR A 123 16.66 18.65 -2.69
CA THR A 123 15.93 19.39 -3.67
C THR A 123 15.90 20.85 -3.31
N ASN A 124 16.00 21.72 -4.32
CA ASN A 124 15.70 23.12 -4.14
C ASN A 124 14.16 23.27 -4.21
N THR A 125 13.51 23.68 -3.13
CA THR A 125 12.06 23.75 -3.20
C THR A 125 11.50 24.90 -2.39
N TRP A 126 10.19 24.96 -2.27
CA TRP A 126 9.52 26.15 -1.79
C TRP A 126 8.47 25.76 -0.74
N LEU A 127 8.23 26.70 0.18
CA LEU A 127 7.09 26.61 1.06
C LEU A 127 5.83 26.90 0.22
N ASP A 128 4.97 25.89 0.10
CA ASP A 128 3.88 25.92 -0.86
C ASP A 128 2.57 26.18 -0.14
N ASP A 129 2.02 27.38 -0.34
CA ASP A 129 0.80 27.82 0.38
C ASP A 129 -0.32 28.19 -0.56
N ARG A 130 -0.31 27.66 -1.78
CA ARG A 130 -1.29 27.98 -2.82
C ARG A 130 -2.55 27.20 -2.45
N ALA A 131 -3.70 27.64 -2.96
CA ALA A 131 -4.93 26.91 -2.70
C ALA A 131 -4.72 25.44 -3.12
N GLU A 132 -3.89 25.18 -4.11
CA GLU A 132 -3.77 23.82 -4.67
C GLU A 132 -2.56 23.01 -4.12
N ARG A 133 -1.92 23.51 -3.05
CA ARG A 133 -0.73 22.86 -2.45
C ARG A 133 -0.83 21.35 -2.15
N ASP A 134 -2.00 20.92 -1.71
CA ASP A 134 -2.20 19.52 -1.39
C ASP A 134 -1.70 18.60 -2.48
N GLY A 135 -1.74 19.09 -3.72
CA GLY A 135 -1.20 18.35 -4.86
C GLY A 135 0.24 17.97 -4.63
N LEU A 136 1.06 18.95 -4.36
CA LEU A 136 2.45 18.66 -4.09
C LEU A 136 2.65 17.90 -2.78
N ALA A 137 1.84 18.22 -1.74
CA ALA A 137 1.95 17.51 -0.46
C ALA A 137 1.82 15.99 -0.72
N GLN A 138 0.81 15.62 -1.52
CA GLN A 138 0.60 14.24 -1.92
C GLN A 138 1.82 13.60 -2.60
N LEU A 139 2.34 14.21 -3.66
CA LEU A 139 3.59 13.74 -4.32
C LEU A 139 4.72 13.54 -3.30
N MET A 140 4.99 14.54 -2.46
CA MET A 140 6.15 14.46 -1.52
C MET A 140 6.02 13.29 -0.55
N CYS A 141 4.79 13.13 -0.08
CA CYS A 141 4.43 12.00 0.76
C CYS A 141 4.74 10.69 0.10
N GLU A 142 4.26 10.49 -1.13
CA GLU A 142 4.54 9.23 -1.80
C GLU A 142 6.05 8.97 -1.98
N LEU A 143 6.82 10.03 -2.23
CA LEU A 143 8.24 9.84 -2.52
C LEU A 143 9.05 9.60 -1.26
N LYS A 144 8.80 10.42 -0.24
CA LYS A 144 9.72 10.49 0.89
C LYS A 144 9.77 9.21 1.70
N MET A 145 8.66 8.47 1.73
CA MET A 145 8.60 7.20 2.47
C MET A 145 9.65 6.24 1.96
N HIS A 146 10.07 6.38 0.69
CA HIS A 146 11.03 5.44 0.13
C HIS A 146 12.51 5.78 0.29
N PHE A 147 12.80 6.83 1.05
CA PHE A 147 14.17 7.35 1.18
C PHE A 147 14.63 7.49 2.61
N ASP A 148 15.94 7.45 2.84
CA ASP A 148 16.45 7.66 4.18
C ASP A 148 16.37 9.10 4.64
N PHE A 149 16.53 10.06 3.73
CA PHE A 149 16.48 11.47 4.07
C PHE A 149 15.90 12.25 2.91
N LEU A 150 15.18 13.30 3.25
CA LEU A 150 14.66 14.29 2.33
C LEU A 150 15.24 15.62 2.81
N ILE A 151 15.97 16.35 1.96
CA ILE A 151 16.56 17.57 2.45
C ILE A 151 16.04 18.66 1.57
N GLU A 152 15.34 19.61 2.17
CA GLU A 152 14.61 20.62 1.40
C GLU A 152 15.24 21.97 1.55
N SER A 153 15.60 22.56 0.40
CA SER A 153 16.30 23.80 0.41
C SER A 153 15.58 24.79 1.33
N CYS A 154 14.25 24.86 1.21
CA CYS A 154 13.46 25.80 1.98
C CYS A 154 13.38 25.46 3.51
N GLN A 155 13.74 24.24 3.91
CA GLN A 155 13.76 23.94 5.36
C GLN A 155 15.15 24.22 5.98
N VAL A 156 16.22 23.89 5.26
CA VAL A 156 17.56 24.07 5.81
C VAL A 156 18.15 25.45 5.56
N GLY A 157 17.48 26.25 4.72
CA GLY A 157 17.88 27.61 4.40
C GLY A 157 19.13 27.72 3.53
N MET A 158 19.38 26.70 2.73
CA MET A 158 20.52 26.72 1.83
C MET A 158 19.99 26.23 0.50
N VAL A 159 20.71 26.44 -0.60
CA VAL A 159 20.25 26.04 -1.96
C VAL A 159 21.41 25.45 -2.72
N LYS A 160 21.14 24.49 -3.61
CA LYS A 160 22.12 24.19 -4.67
C LYS A 160 22.21 25.48 -5.53
N PRO A 161 23.39 25.85 -6.03
CA PRO A 161 24.69 25.18 -5.90
C PRO A 161 25.61 25.69 -4.77
N GLU A 162 25.09 26.36 -3.74
CA GLU A 162 25.91 26.82 -2.59
C GLU A 162 26.61 25.64 -1.96
N PRO A 163 27.90 25.82 -1.58
CA PRO A 163 28.69 24.63 -1.27
C PRO A 163 28.29 24.01 0.07
N GLN A 164 27.76 24.84 0.95
CA GLN A 164 27.37 24.43 2.31
C GLN A 164 26.27 23.37 2.35
N ILE A 165 25.34 23.39 1.39
CA ILE A 165 24.31 22.32 1.31
C ILE A 165 24.92 20.93 1.07
N TYR A 166 25.96 20.81 0.23
CA TYR A 166 26.63 19.52 0.00
C TYR A 166 27.35 19.03 1.25
N LYS A 167 27.99 19.96 1.97
CA LYS A 167 28.58 19.61 3.28
C LYS A 167 27.48 19.19 4.24
N PHE A 168 26.39 19.95 4.29
CA PHE A 168 25.22 19.49 5.08
C PHE A 168 24.74 18.09 4.64
N LEU A 169 24.63 17.88 3.32
CA LEU A 169 24.28 16.56 2.77
C LEU A 169 25.19 15.45 3.26
N LEU A 170 26.51 15.64 3.15
CA LEU A 170 27.48 14.59 3.54
C LEU A 170 27.33 14.28 5.02
N ASP A 171 27.14 15.35 5.78
CA ASP A 171 27.01 15.27 7.21
C ASP A 171 25.72 14.55 7.63
N THR A 172 24.67 14.70 6.82
CA THR A 172 23.44 13.93 7.00
C THR A 172 23.63 12.45 6.66
N LEU A 173 24.33 12.15 5.56
CA LEU A 173 24.55 10.75 5.19
C LEU A 173 25.52 10.02 6.14
N LYS A 174 26.37 10.76 6.86
CA LYS A 174 27.52 10.17 7.56
C LYS A 174 28.24 9.29 6.55
N ALA A 175 28.76 9.96 5.54
CA ALA A 175 29.45 9.31 4.44
C ALA A 175 30.39 10.32 3.86
N SER A 176 31.48 9.83 3.30
CA SER A 176 32.49 10.66 2.74
C SER A 176 32.16 10.78 1.29
N PRO A 177 32.54 11.92 0.69
CA PRO A 177 32.09 12.24 -0.64
C PRO A 177 32.36 11.15 -1.70
N SER A 178 33.40 10.33 -1.52
CA SER A 178 33.71 9.35 -2.54
C SER A 178 32.82 8.11 -2.42
N GLU A 179 32.09 8.01 -1.31
CA GLU A 179 31.08 6.97 -1.18
C GLU A 179 29.69 7.37 -1.73
N VAL A 180 29.59 8.49 -2.44
CA VAL A 180 28.29 9.02 -2.86
C VAL A 180 28.11 9.30 -4.35
N VAL A 181 27.02 8.77 -4.90
CA VAL A 181 26.58 9.18 -6.23
C VAL A 181 25.40 10.17 -6.13
N PHE A 182 25.50 11.23 -6.92
CA PHE A 182 24.56 12.32 -6.91
C PHE A 182 24.07 12.51 -8.33
N LEU A 183 22.76 12.37 -8.53
CA LEU A 183 22.17 12.65 -9.85
C LEU A 183 21.41 13.97 -9.84
N ASP A 184 21.64 14.79 -10.87
CA ASP A 184 20.95 16.06 -11.07
C ASP A 184 20.74 16.31 -12.54
N ASP A 185 19.69 17.04 -12.90
CA ASP A 185 19.48 17.37 -14.32
C ASP A 185 20.14 18.71 -14.74
N ILE A 186 20.64 19.45 -13.74
CA ILE A 186 21.24 20.78 -13.93
C ILE A 186 22.72 20.67 -13.62
N GLY A 187 23.56 20.92 -14.63
CA GLY A 187 25.01 20.69 -14.48
C GLY A 187 25.67 21.59 -13.44
N ALA A 188 25.25 22.85 -13.37
CA ALA A 188 25.79 23.76 -12.36
C ALA A 188 25.64 23.18 -10.92
N ASN A 189 24.57 22.44 -10.71
CA ASN A 189 24.31 21.89 -9.39
C ASN A 189 25.16 20.68 -9.13
N LEU A 190 25.67 20.09 -10.21
CA LEU A 190 26.54 18.92 -10.13
C LEU A 190 27.98 19.26 -9.74
N LYS A 191 28.46 20.38 -10.30
CA LYS A 191 29.80 20.93 -10.05
C LYS A 191 30.28 20.86 -8.61
N PRO A 192 29.49 21.38 -7.63
CA PRO A 192 30.13 21.33 -6.32
C PRO A 192 30.20 19.93 -5.75
N ALA A 193 29.34 19.00 -6.21
CA ALA A 193 29.46 17.62 -5.77
C ALA A 193 30.73 16.98 -6.37
N ARG A 194 30.99 17.26 -7.64
CA ARG A 194 32.20 16.78 -8.31
C ARG A 194 33.51 17.33 -7.61
N ASP A 195 33.54 18.61 -7.26
CA ASP A 195 34.67 19.26 -6.51
C ASP A 195 35.02 18.54 -5.22
N LEU A 196 34.02 18.05 -4.49
CA LEU A 196 34.24 17.29 -3.26
C LEU A 196 34.59 15.86 -3.57
N GLY A 197 34.42 15.49 -4.85
CA GLY A 197 34.76 14.15 -5.35
C GLY A 197 33.67 13.11 -5.28
N MET A 198 32.42 13.52 -5.20
CA MET A 198 31.29 12.59 -5.39
C MET A 198 31.21 12.13 -6.85
N VAL A 199 30.72 10.90 -7.11
CA VAL A 199 30.39 10.44 -8.47
C VAL A 199 29.12 11.23 -8.87
N THR A 200 29.06 11.75 -10.08
CA THR A 200 27.91 12.53 -10.40
C THR A 200 27.33 12.02 -11.71
N ILE A 201 26.02 12.18 -11.87
CA ILE A 201 25.35 11.78 -13.08
C ILE A 201 24.48 12.95 -13.46
N LEU A 202 24.75 13.47 -14.66
CA LEU A 202 23.89 14.42 -15.30
C LEU A 202 22.72 13.62 -15.93
N VAL A 203 21.51 13.89 -15.43
CA VAL A 203 20.30 13.22 -15.91
C VAL A 203 19.62 14.01 -17.03
N GLN A 204 19.73 13.49 -18.25
CA GLN A 204 18.96 14.00 -19.36
C GLN A 204 17.77 13.10 -19.58
N ASP A 205 17.94 11.98 -20.25
CA ASP A 205 16.85 11.01 -20.27
C ASP A 205 17.15 10.00 -19.17
N THR A 206 16.09 9.51 -18.57
CA THR A 206 16.12 8.61 -17.47
C THR A 206 17.00 7.37 -17.74
N ASP A 207 16.81 6.73 -18.91
CA ASP A 207 17.46 5.42 -19.21
C ASP A 207 18.95 5.47 -19.30
N THR A 208 19.50 6.50 -19.96
CA THR A 208 20.96 6.75 -19.97
C THR A 208 21.53 6.90 -18.56
N ALA A 209 20.88 7.75 -17.76
CA ALA A 209 21.27 7.95 -16.35
C ALA A 209 21.29 6.66 -15.51
N LEU A 210 20.26 5.83 -15.66
CA LEU A 210 20.25 4.50 -15.00
C LEU A 210 21.32 3.62 -15.55
N LYS A 211 21.68 3.82 -16.82
CA LYS A 211 22.71 2.96 -17.39
C LYS A 211 24.01 3.35 -16.80
N GLU A 212 24.25 4.65 -16.68
CA GLU A 212 25.44 5.18 -15.99
C GLU A 212 25.43 4.77 -14.52
N LEU A 213 24.27 4.89 -13.87
CA LEU A 213 24.11 4.55 -12.45
C LEU A 213 24.38 3.07 -12.18
N GLU A 214 24.02 2.24 -13.16
CA GLU A 214 24.14 0.78 -13.10
C GLU A 214 25.61 0.43 -13.19
N LYS A 215 26.26 1.01 -14.19
CA LYS A 215 27.68 0.87 -14.42
C LYS A 215 28.40 1.17 -13.12
N VAL A 216 28.16 2.37 -12.61
CA VAL A 216 28.99 2.89 -11.54
C VAL A 216 28.74 2.24 -10.18
N THR A 217 27.53 1.76 -9.92
CA THR A 217 27.25 1.06 -8.66
C THR A 217 27.47 -0.43 -8.76
N GLY A 218 27.35 -0.99 -9.96
CA GLY A 218 27.52 -2.42 -10.16
C GLY A 218 26.28 -3.21 -9.78
N ILE A 219 25.12 -2.56 -9.77
CA ILE A 219 23.84 -3.22 -9.45
C ILE A 219 22.86 -3.14 -10.65
N GLN A 220 22.18 -4.22 -10.98
CA GLN A 220 21.16 -4.05 -12.02
C GLN A 220 19.96 -3.20 -11.63
N LEU A 221 19.61 -2.27 -12.52
CA LEU A 221 18.66 -1.21 -12.21
C LEU A 221 17.69 -1.08 -13.36
N LEU A 222 18.18 -1.32 -14.56
CA LEU A 222 17.37 -1.21 -15.77
C LEU A 222 16.85 -2.58 -16.13
N ASN A 223 15.67 -2.64 -16.74
CA ASN A 223 15.16 -3.96 -17.25
C ASN A 223 15.05 -5.05 -16.17
N THR A 224 15.01 -4.61 -14.93
CA THR A 224 14.96 -5.46 -13.75
C THR A 224 13.55 -6.03 -13.62
N PRO A 225 13.39 -7.24 -13.09
CA PRO A 225 11.97 -7.66 -13.15
C PRO A 225 10.99 -6.71 -12.38
N ALA A 226 9.67 -6.80 -12.67
CA ALA A 226 8.61 -6.05 -11.95
C ALA A 226 8.66 -6.28 -10.41
N PRO A 227 8.75 -5.21 -9.63
CA PRO A 227 9.06 -5.42 -8.22
C PRO A 227 7.76 -5.76 -7.46
N LEU A 228 7.86 -6.02 -6.17
CA LEU A 228 6.62 -6.17 -5.41
C LEU A 228 5.97 -4.79 -5.12
N PRO A 229 4.68 -4.78 -4.75
CA PRO A 229 4.14 -3.55 -4.23
C PRO A 229 4.85 -3.22 -2.93
N THR A 230 4.72 -1.96 -2.49
CA THR A 230 5.19 -1.55 -1.17
C THR A 230 4.49 -2.35 -0.06
N SER A 231 5.31 -2.86 0.86
CA SER A 231 4.86 -3.60 2.02
C SER A 231 4.87 -2.68 3.27
N CYS A 232 4.36 -3.16 4.39
CA CYS A 232 4.26 -2.32 5.59
C CYS A 232 5.31 -2.71 6.59
N ASN A 233 5.93 -1.74 7.24
CA ASN A 233 6.69 -2.07 8.39
C ASN A 233 5.83 -1.88 9.68
N PRO A 234 5.43 -3.00 10.34
CA PRO A 234 4.52 -2.93 11.49
C PRO A 234 4.78 -1.76 12.44
N SER A 235 6.03 -1.45 12.71
CA SER A 235 6.27 -0.46 13.74
C SER A 235 6.26 0.95 13.16
N ASP A 236 6.11 1.07 11.85
CA ASP A 236 5.74 2.36 11.24
C ASP A 236 4.23 2.64 11.14
N MET A 237 3.38 1.68 11.50
CA MET A 237 1.97 1.88 11.31
C MET A 237 1.30 2.66 12.48
N SER A 238 0.17 3.28 12.19
CA SER A 238 -0.69 3.75 13.22
C SER A 238 -1.49 2.56 13.69
N HIS A 239 -1.47 2.29 14.98
CA HIS A 239 -2.16 1.18 15.56
C HIS A 239 -3.33 1.72 16.39
N GLY A 240 -4.54 1.29 16.07
CA GLY A 240 -5.75 1.74 16.77
C GLY A 240 -6.43 0.60 17.50
N TYR A 241 -7.19 0.95 18.54
CA TYR A 241 -7.81 -0.04 19.45
C TYR A 241 -9.12 0.43 19.92
N VAL A 242 -10.13 -0.44 19.79
CA VAL A 242 -11.50 -0.05 20.12
C VAL A 242 -12.11 -1.13 20.97
N THR A 243 -12.58 -0.78 22.17
CA THR A 243 -13.39 -1.70 23.00
C THR A 243 -14.86 -1.71 22.53
N VAL A 244 -15.26 -2.84 21.96
CA VAL A 244 -16.60 -3.00 21.42
C VAL A 244 -17.56 -3.55 22.48
N LYS A 245 -17.00 -3.99 23.61
CA LYS A 245 -17.78 -4.53 24.71
C LYS A 245 -16.81 -4.97 25.80
N PRO A 246 -17.28 -5.08 27.07
CA PRO A 246 -16.39 -5.21 28.22
C PRO A 246 -15.20 -6.15 28.04
N ARG A 247 -15.41 -7.37 27.61
CA ARG A 247 -14.23 -8.22 27.52
C ARG A 247 -13.53 -8.29 26.11
N VAL A 248 -13.80 -7.33 25.22
CA VAL A 248 -13.33 -7.45 23.80
C VAL A 248 -12.87 -6.12 23.21
N ARG A 249 -11.61 -6.04 22.85
CA ARG A 249 -11.13 -4.86 22.14
C ARG A 249 -10.51 -5.34 20.81
N LEU A 250 -10.71 -4.55 19.76
CA LEU A 250 -10.28 -4.90 18.45
C LEU A 250 -9.11 -4.01 18.06
N HIS A 251 -8.10 -4.61 17.47
CA HIS A 251 -6.95 -3.86 17.03
C HIS A 251 -7.00 -3.74 15.53
N PHE A 252 -6.53 -2.63 14.99
CA PHE A 252 -6.43 -2.46 13.56
C PHE A 252 -5.26 -1.53 13.28
N VAL A 253 -4.80 -1.51 12.02
CA VAL A 253 -3.76 -0.63 11.56
C VAL A 253 -4.49 0.29 10.57
N GLU A 254 -4.04 1.53 10.46
CA GLU A 254 -4.83 2.56 9.76
C GLU A 254 -3.93 3.38 8.89
N LEU A 255 -4.26 3.46 7.60
CA LEU A 255 -3.42 4.27 6.70
C LEU A 255 -4.29 4.96 5.64
N GLY A 256 -4.09 6.26 5.43
CA GLY A 256 -4.76 6.93 4.31
C GLY A 256 -5.99 7.74 4.68
N SER A 257 -6.50 8.51 3.71
CA SER A 257 -7.75 9.27 3.93
C SER A 257 -8.69 9.06 2.75
N GLY A 258 -9.98 9.39 2.92
CA GLY A 258 -11.00 9.09 1.89
C GLY A 258 -11.96 8.04 2.41
N PRO A 259 -12.78 7.42 1.52
CA PRO A 259 -13.76 6.43 1.95
C PRO A 259 -13.09 5.38 2.83
N ALA A 260 -13.71 5.05 3.96
CA ALA A 260 -13.19 4.03 4.88
C ALA A 260 -13.32 2.60 4.28
N VAL A 261 -12.20 1.88 4.29
CA VAL A 261 -12.14 0.52 3.73
C VAL A 261 -11.62 -0.44 4.82
N CYS A 262 -12.48 -1.37 5.22
CA CYS A 262 -12.14 -2.27 6.34
C CYS A 262 -11.71 -3.62 5.78
N LEU A 263 -10.46 -4.02 6.02
CA LEU A 263 -9.94 -5.28 5.56
C LEU A 263 -10.02 -6.37 6.64
N CYS A 264 -10.63 -7.50 6.28
CA CYS A 264 -10.89 -8.61 7.17
C CYS A 264 -10.21 -9.92 6.70
N HIS A 265 -9.06 -10.18 7.30
CA HIS A 265 -8.22 -11.37 7.03
C HIS A 265 -8.86 -12.75 7.40
N GLY A 266 -8.18 -13.81 7.03
CA GLY A 266 -8.75 -15.16 7.13
C GLY A 266 -8.15 -16.02 8.22
N PHE A 267 -8.41 -17.34 8.19
CA PHE A 267 -7.79 -18.28 9.11
C PHE A 267 -6.49 -18.92 8.53
N PRO A 268 -5.40 -19.02 9.34
CA PRO A 268 -5.17 -18.36 10.61
C PRO A 268 -4.26 -17.16 10.36
N GLU A 269 -4.81 -15.98 10.10
CA GLU A 269 -3.93 -14.92 9.62
C GLU A 269 -3.82 -13.69 10.56
N SER A 270 -3.85 -12.48 10.01
CA SER A 270 -3.43 -11.27 10.75
C SER A 270 -3.69 -10.03 9.88
N TRP A 271 -3.65 -8.83 10.46
CA TRP A 271 -3.75 -7.63 9.65
C TRP A 271 -2.67 -7.65 8.63
N TYR A 272 -1.54 -8.26 8.99
CA TYR A 272 -0.32 -8.23 8.19
C TYR A 272 -0.52 -9.03 6.91
N SER A 273 -1.60 -9.81 6.83
CA SER A 273 -1.89 -10.51 5.58
C SER A 273 -2.17 -9.51 4.47
N TRP A 274 -2.55 -8.30 4.89
CA TRP A 274 -2.90 -7.24 3.94
C TRP A 274 -1.73 -6.29 3.67
N ARG A 275 -0.51 -6.69 4.03
CA ARG A 275 0.64 -5.78 4.03
C ARG A 275 0.96 -5.17 2.67
N TYR A 276 0.64 -5.89 1.60
CA TYR A 276 0.80 -5.38 0.24
C TYR A 276 -0.36 -4.47 -0.23
N GLN A 277 -1.55 -4.72 0.28
CA GLN A 277 -2.69 -3.91 -0.14
C GLN A 277 -2.80 -2.55 0.56
N ILE A 278 -2.27 -2.46 1.80
CA ILE A 278 -2.48 -1.30 2.66
C ILE A 278 -1.92 -0.01 2.06
N PRO A 279 -0.61 0.03 1.71
CA PRO A 279 -0.08 1.30 1.11
C PRO A 279 -0.69 1.63 -0.27
N ALA A 280 -0.83 0.63 -1.14
CA ALA A 280 -1.53 0.72 -2.45
C ALA A 280 -2.94 1.33 -2.39
N LEU A 281 -3.80 0.79 -1.53
CA LEU A 281 -5.17 1.36 -1.41
C LEU A 281 -5.21 2.77 -0.75
N ALA A 282 -4.31 3.02 0.20
CA ALA A 282 -4.16 4.36 0.74
C ALA A 282 -3.75 5.26 -0.41
N GLN A 283 -2.63 4.94 -1.05
CA GLN A 283 -2.20 5.70 -2.22
C GLN A 283 -3.34 5.93 -3.22
N ALA A 284 -4.17 4.91 -3.40
CA ALA A 284 -5.32 5.00 -4.29
C ALA A 284 -6.45 5.89 -3.80
N GLY A 285 -6.28 6.49 -2.61
CA GLY A 285 -7.24 7.49 -2.04
C GLY A 285 -8.30 6.91 -1.07
N TYR A 286 -7.91 5.87 -0.34
CA TYR A 286 -8.82 5.27 0.64
C TYR A 286 -8.27 5.33 2.06
N ARG A 287 -9.18 5.31 3.06
CA ARG A 287 -8.81 5.18 4.50
C ARG A 287 -8.82 3.73 4.85
N VAL A 288 -7.65 3.11 4.94
CA VAL A 288 -7.66 1.66 5.12
C VAL A 288 -7.65 1.35 6.62
N LEU A 289 -8.58 0.53 7.11
CA LEU A 289 -8.46 -0.08 8.44
C LEU A 289 -8.28 -1.61 8.28
N ALA A 290 -7.09 -2.10 8.61
CA ALA A 290 -6.77 -3.55 8.46
C ALA A 290 -6.96 -4.17 9.80
N MET A 291 -7.91 -5.06 9.98
CA MET A 291 -8.15 -5.56 11.33
C MET A 291 -7.23 -6.71 11.67
N ASP A 292 -6.97 -6.86 12.98
CA ASP A 292 -6.84 -8.20 13.61
C ASP A 292 -8.27 -8.61 13.98
N MET A 293 -8.75 -9.74 13.45
CA MET A 293 -10.16 -10.08 13.68
C MET A 293 -10.20 -10.69 15.07
N LYS A 294 -11.37 -10.74 15.67
CA LYS A 294 -11.51 -11.31 17.02
C LYS A 294 -10.80 -12.65 17.01
N GLY A 295 -9.93 -12.85 18.00
CA GLY A 295 -9.19 -14.07 18.15
C GLY A 295 -7.70 -14.01 17.78
N TYR A 296 -7.32 -12.96 17.06
CA TYR A 296 -5.98 -12.79 16.58
C TYR A 296 -5.19 -11.57 17.09
N GLY A 297 -3.87 -11.77 17.15
CA GLY A 297 -2.91 -10.71 17.28
C GLY A 297 -3.15 -9.93 18.54
N GLU A 298 -3.23 -8.62 18.37
CA GLU A 298 -3.50 -7.72 19.47
C GLU A 298 -5.00 -7.51 19.76
N SER A 299 -5.91 -8.07 18.95
CA SER A 299 -7.35 -8.13 19.37
C SER A 299 -7.51 -9.14 20.48
N SER A 300 -8.59 -9.05 21.24
CA SER A 300 -8.94 -9.97 22.34
C SER A 300 -9.31 -11.35 21.81
N ALA A 301 -9.07 -12.37 22.64
CA ALA A 301 -9.35 -13.74 22.27
C ALA A 301 -10.05 -14.42 23.43
N PRO A 302 -11.32 -14.05 23.72
CA PRO A 302 -12.02 -14.81 24.80
C PRO A 302 -12.12 -16.28 24.43
N PRO A 303 -12.15 -17.20 25.44
CA PRO A 303 -12.12 -18.66 25.21
C PRO A 303 -13.39 -19.31 24.68
N GLU A 304 -14.56 -18.76 25.00
CA GLU A 304 -15.82 -19.47 24.73
C GLU A 304 -16.13 -19.53 23.25
N ILE A 305 -16.57 -20.68 22.79
CA ILE A 305 -16.89 -20.88 21.38
C ILE A 305 -17.87 -19.89 20.80
N GLU A 306 -18.97 -19.60 21.49
CA GLU A 306 -20.07 -18.78 20.93
C GLU A 306 -19.65 -17.33 20.79
N GLU A 307 -18.56 -16.95 21.45
CA GLU A 307 -17.94 -15.65 21.14
C GLU A 307 -17.56 -15.55 19.66
N TYR A 308 -17.48 -16.67 18.92
CA TYR A 308 -17.03 -16.61 17.52
C TYR A 308 -18.07 -17.02 16.50
N CYS A 309 -19.34 -17.07 16.91
CA CYS A 309 -20.42 -17.22 15.92
C CYS A 309 -20.48 -15.92 15.09
N MET A 310 -20.90 -16.04 13.83
CA MET A 310 -20.97 -14.91 12.89
C MET A 310 -21.86 -13.76 13.42
N GLU A 311 -23.01 -14.09 13.99
CA GLU A 311 -23.95 -13.07 14.49
C GLU A 311 -23.21 -12.15 15.46
N VAL A 312 -22.52 -12.73 16.45
CA VAL A 312 -21.72 -11.99 17.43
C VAL A 312 -20.52 -11.28 16.77
N LEU A 313 -19.81 -11.96 15.88
CA LEU A 313 -18.73 -11.31 15.18
C LEU A 313 -19.16 -10.04 14.45
N CYS A 314 -20.28 -10.15 13.70
CA CYS A 314 -20.86 -9.09 12.91
C CYS A 314 -21.33 -7.91 13.77
N LYS A 315 -22.16 -8.17 14.81
CA LYS A 315 -22.64 -7.14 15.73
C LYS A 315 -21.43 -6.35 16.22
N GLU A 316 -20.39 -7.06 16.66
CA GLU A 316 -19.11 -6.44 17.02
C GLU A 316 -18.45 -5.52 15.98
N MET A 317 -18.48 -5.90 14.69
CA MET A 317 -17.91 -5.06 13.63
C MET A 317 -18.73 -3.80 13.46
N VAL A 318 -20.05 -3.92 13.56
CA VAL A 318 -20.96 -2.76 13.62
C VAL A 318 -20.62 -1.81 14.79
N THR A 319 -20.50 -2.37 16.00
CA THR A 319 -20.10 -1.57 17.18
C THR A 319 -18.76 -0.82 16.94
N PHE A 320 -17.81 -1.51 16.30
CA PHE A 320 -16.54 -0.92 15.88
C PHE A 320 -16.77 0.32 14.98
N LEU A 321 -17.67 0.23 14.02
CA LEU A 321 -18.00 1.42 13.26
C LEU A 321 -18.59 2.56 14.13
N ASP A 322 -19.51 2.21 15.03
CA ASP A 322 -20.20 3.12 15.93
C ASP A 322 -19.15 3.84 16.75
N LYS A 323 -18.25 3.12 17.43
CA LYS A 323 -17.29 3.79 18.28
C LYS A 323 -16.26 4.62 17.50
N LEU A 324 -15.97 4.22 16.27
CA LEU A 324 -15.11 5.05 15.40
C LEU A 324 -15.85 6.23 14.77
N GLY A 325 -17.17 6.23 14.90
CA GLY A 325 -18.02 7.23 14.29
C GLY A 325 -18.07 7.12 12.75
N LEU A 326 -18.10 5.89 12.24
CA LEU A 326 -18.17 5.64 10.82
C LEU A 326 -19.58 5.14 10.51
N SER A 327 -20.32 5.80 9.63
CA SER A 327 -21.66 5.33 9.34
C SER A 327 -21.62 4.14 8.39
N GLN A 328 -20.60 4.10 7.53
CA GLN A 328 -20.39 2.96 6.64
C GLN A 328 -18.93 2.61 6.47
N ALA A 329 -18.66 1.42 5.97
CA ALA A 329 -17.33 1.24 5.39
C ALA A 329 -17.46 0.27 4.26
N VAL A 330 -16.47 0.26 3.38
CA VAL A 330 -16.34 -0.80 2.41
C VAL A 330 -15.72 -2.00 3.16
N PHE A 331 -16.31 -3.20 3.02
CA PHE A 331 -15.75 -4.34 3.68
C PHE A 331 -15.25 -5.26 2.61
N ILE A 332 -13.99 -5.60 2.77
CA ILE A 332 -13.25 -6.47 1.88
C ILE A 332 -12.69 -7.61 2.76
N GLY A 333 -13.11 -8.84 2.50
CA GLY A 333 -12.63 -10.01 3.24
C GLY A 333 -11.97 -11.09 2.40
N HIS A 334 -11.27 -12.01 3.08
CA HIS A 334 -10.55 -13.14 2.47
C HIS A 334 -10.74 -14.33 3.41
N ASP A 335 -11.10 -15.48 2.87
CA ASP A 335 -11.27 -16.69 3.66
C ASP A 335 -12.40 -16.50 4.68
N TRP A 336 -12.16 -16.72 5.98
CA TRP A 336 -13.20 -16.41 7.00
C TRP A 336 -13.64 -14.93 7.00
N GLY A 337 -12.70 -14.02 6.76
CA GLY A 337 -13.04 -12.60 6.72
C GLY A 337 -13.99 -12.41 5.52
N GLY A 338 -13.84 -13.25 4.49
CA GLY A 338 -14.77 -13.26 3.36
C GLY A 338 -16.20 -13.58 3.73
N MET A 339 -16.41 -14.66 4.48
CA MET A 339 -17.73 -15.10 4.87
C MET A 339 -18.41 -14.02 5.71
N LEU A 340 -17.63 -13.35 6.55
CA LEU A 340 -18.12 -12.33 7.43
C LEU A 340 -18.63 -11.11 6.63
N VAL A 341 -17.92 -10.74 5.57
CA VAL A 341 -18.32 -9.53 4.94
C VAL A 341 -19.61 -9.80 4.20
N TRP A 342 -19.75 -11.00 3.62
CA TRP A 342 -20.99 -11.33 2.98
C TRP A 342 -22.10 -11.20 3.98
N TYR A 343 -21.91 -11.68 5.21
CA TYR A 343 -22.95 -11.60 6.22
C TYR A 343 -23.22 -10.16 6.70
N MET A 344 -22.18 -9.32 6.67
CA MET A 344 -22.35 -7.91 7.00
C MET A 344 -23.28 -7.31 5.94
N ALA A 345 -23.03 -7.63 4.67
CA ALA A 345 -23.90 -7.17 3.57
C ALA A 345 -25.36 -7.57 3.78
N LEU A 346 -25.60 -8.81 4.24
CA LEU A 346 -26.98 -9.33 4.39
C LEU A 346 -27.77 -8.85 5.60
N PHE A 347 -27.09 -8.57 6.69
CA PHE A 347 -27.76 -8.19 7.93
C PHE A 347 -27.64 -6.74 8.28
N TYR A 348 -26.62 -6.07 7.73
CA TYR A 348 -26.35 -4.62 7.96
C TYR A 348 -26.01 -3.82 6.65
N PRO A 349 -26.84 -3.97 5.61
CA PRO A 349 -26.48 -3.24 4.38
C PRO A 349 -26.32 -1.74 4.55
N GLU A 350 -27.07 -1.11 5.47
CA GLU A 350 -26.89 0.36 5.75
C GLU A 350 -25.45 0.76 6.15
N ARG A 351 -24.70 -0.21 6.69
CA ARG A 351 -23.34 0.07 7.20
C ARG A 351 -22.24 -0.26 6.20
N VAL A 352 -22.61 -0.88 5.08
CA VAL A 352 -21.63 -1.41 4.13
C VAL A 352 -21.74 -0.59 2.85
N ARG A 353 -20.68 0.17 2.55
CA ARG A 353 -20.62 0.97 1.31
C ARG A 353 -20.61 0.08 0.06
N ALA A 354 -19.84 -0.99 0.11
CA ALA A 354 -19.65 -1.97 -0.97
C ALA A 354 -19.06 -3.20 -0.26
N VAL A 355 -19.19 -4.37 -0.85
CA VAL A 355 -18.59 -5.55 -0.23
C VAL A 355 -17.79 -6.32 -1.24
N ALA A 356 -16.61 -6.78 -0.84
CA ALA A 356 -15.81 -7.68 -1.71
C ALA A 356 -15.21 -8.86 -0.97
N SER A 357 -15.15 -10.03 -1.63
CA SER A 357 -14.54 -11.22 -1.09
C SER A 357 -13.48 -11.81 -2.04
N LEU A 358 -12.36 -12.24 -1.46
CA LEU A 358 -11.29 -12.93 -2.17
C LEU A 358 -11.52 -14.36 -1.81
N ASN A 359 -11.63 -15.25 -2.79
CA ASN A 359 -11.71 -16.72 -2.56
C ASN A 359 -13.03 -17.21 -1.99
N THR A 360 -13.51 -16.63 -0.89
CA THR A 360 -14.77 -17.04 -0.25
C THR A 360 -16.06 -16.70 -1.02
N PRO A 361 -16.76 -17.73 -1.54
CA PRO A 361 -17.98 -17.46 -2.28
C PRO A 361 -19.13 -17.23 -1.30
N PHE A 362 -20.24 -16.64 -1.74
CA PHE A 362 -21.44 -16.65 -0.88
C PHE A 362 -22.30 -17.83 -1.29
N ILE A 363 -22.69 -18.62 -0.31
CA ILE A 363 -23.46 -19.83 -0.55
C ILE A 363 -24.52 -19.85 0.55
N PRO A 364 -25.79 -19.62 0.19
CA PRO A 364 -26.85 -19.61 1.18
C PRO A 364 -26.84 -20.89 2.01
N ALA A 365 -27.32 -20.84 3.26
CA ALA A 365 -27.49 -22.03 4.05
C ALA A 365 -28.56 -22.87 3.40
N ASN A 366 -28.41 -24.19 3.45
CA ASN A 366 -29.46 -25.07 2.96
C ASN A 366 -30.41 -25.39 4.11
N PRO A 367 -31.68 -24.90 4.07
CA PRO A 367 -32.49 -25.17 5.29
C PRO A 367 -32.83 -26.65 5.44
N ASN A 368 -32.57 -27.43 4.39
CA ASN A 368 -32.93 -28.85 4.34
C ASN A 368 -31.78 -29.76 4.58
N MET A 369 -30.67 -29.23 5.05
CA MET A 369 -29.51 -30.06 5.28
C MET A 369 -28.64 -29.45 6.33
N SER A 370 -28.36 -30.27 7.34
CA SER A 370 -27.53 -29.82 8.45
C SER A 370 -26.15 -29.45 7.91
N PRO A 371 -25.52 -28.43 8.52
CA PRO A 371 -24.24 -27.92 8.06
C PRO A 371 -23.14 -28.99 8.16
N LEU A 372 -23.20 -29.86 9.19
CA LEU A 372 -22.26 -30.98 9.35
C LEU A 372 -22.34 -32.00 8.22
N GLU A 373 -23.55 -32.29 7.74
CA GLU A 373 -23.78 -33.13 6.56
C GLU A 373 -23.11 -32.50 5.36
N SER A 374 -23.32 -31.19 5.21
CA SER A 374 -22.84 -30.44 4.06
C SER A 374 -21.33 -30.58 4.03
N ILE A 375 -20.70 -30.49 5.20
CA ILE A 375 -19.24 -30.57 5.33
C ILE A 375 -18.66 -31.96 5.04
N LYS A 376 -19.32 -33.00 5.54
CA LYS A 376 -18.96 -34.39 5.23
C LYS A 376 -19.13 -34.69 3.74
N ALA A 377 -20.07 -34.01 3.08
CA ALA A 377 -20.26 -34.09 1.61
C ALA A 377 -19.11 -33.55 0.73
N ASN A 378 -18.07 -32.95 1.33
CA ASN A 378 -16.98 -32.41 0.50
C ASN A 378 -15.60 -32.85 0.96
N PRO A 379 -15.02 -33.86 0.27
CA PRO A 379 -13.77 -34.41 0.80
C PRO A 379 -12.74 -33.34 1.27
N VAL A 380 -12.67 -32.20 0.57
CA VAL A 380 -11.63 -31.22 0.86
C VAL A 380 -11.84 -30.43 2.17
N PHE A 381 -13.06 -30.50 2.72
CA PHE A 381 -13.42 -29.91 4.00
C PHE A 381 -13.21 -30.84 5.20
N ASP A 382 -12.54 -31.96 4.98
CA ASP A 382 -12.35 -32.94 6.07
C ASP A 382 -11.61 -32.31 7.27
N TYR A 383 -10.63 -31.47 6.95
CA TYR A 383 -9.85 -30.74 7.95
C TYR A 383 -10.78 -30.03 8.96
N GLN A 384 -11.92 -29.52 8.48
CA GLN A 384 -12.87 -28.85 9.36
C GLN A 384 -13.48 -29.75 10.41
N LEU A 385 -13.57 -31.05 10.15
CA LEU A 385 -14.18 -31.94 11.19
C LEU A 385 -13.11 -32.17 12.24
N TYR A 386 -11.87 -32.22 11.77
CA TYR A 386 -10.71 -32.34 12.64
C TYR A 386 -10.65 -31.14 13.57
N PHE A 387 -11.14 -30.00 13.08
CA PHE A 387 -11.06 -28.75 13.86
C PHE A 387 -12.07 -28.71 14.99
N GLN A 388 -13.03 -29.64 15.00
CA GLN A 388 -14.21 -29.52 15.90
C GLN A 388 -13.92 -29.75 17.41
N GLU A 389 -13.05 -30.71 17.72
CA GLU A 389 -12.81 -31.20 19.09
C GLU A 389 -11.94 -30.21 19.88
N PRO A 390 -12.54 -29.48 20.84
CA PRO A 390 -11.62 -28.50 21.50
C PRO A 390 -10.32 -29.12 22.01
N GLY A 391 -9.18 -28.57 21.60
CA GLY A 391 -7.88 -28.99 22.11
C GLY A 391 -7.05 -29.74 21.09
N VAL A 392 -7.69 -30.60 20.33
CA VAL A 392 -6.93 -31.38 19.41
C VAL A 392 -6.13 -30.51 18.41
N ALA A 393 -6.80 -29.76 17.53
CA ALA A 393 -6.05 -28.92 16.56
C ALA A 393 -5.20 -27.87 17.25
N GLU A 394 -5.69 -27.27 18.33
CA GLU A 394 -4.82 -26.34 19.07
C GLU A 394 -3.41 -26.94 19.35
N ALA A 395 -3.38 -28.18 19.87
CA ALA A 395 -2.10 -28.82 20.25
C ALA A 395 -1.20 -28.97 19.03
N GLU A 396 -1.74 -29.39 17.90
CA GLU A 396 -0.92 -29.52 16.71
C GLU A 396 -0.40 -28.14 16.25
N LEU A 397 -1.29 -27.16 16.18
CA LEU A 397 -0.98 -25.89 15.53
C LEU A 397 -0.04 -25.02 16.38
N GLU A 398 -0.21 -25.08 17.68
CA GLU A 398 0.70 -24.39 18.63
C GLU A 398 2.03 -25.07 18.87
N GLN A 399 2.16 -26.33 18.47
CA GLN A 399 3.32 -27.08 18.89
C GLN A 399 4.59 -26.44 18.34
N ASN A 400 4.57 -26.02 17.09
CA ASN A 400 5.71 -25.43 16.47
C ASN A 400 5.22 -24.34 15.48
N LEU A 401 5.16 -23.12 15.98
CA LEU A 401 4.51 -22.04 15.22
C LEU A 401 5.19 -21.75 13.88
N SER A 402 6.51 -21.77 13.92
CA SER A 402 7.29 -21.59 12.72
C SER A 402 6.91 -22.63 11.68
N ARG A 403 6.89 -23.89 12.11
CA ARG A 403 6.62 -24.96 11.21
C ARG A 403 5.17 -24.79 10.69
N THR A 404 4.26 -24.48 11.61
CA THR A 404 2.86 -24.20 11.26
C THR A 404 2.73 -23.20 10.11
N PHE A 405 3.35 -22.02 10.24
CA PHE A 405 3.15 -20.99 9.23
C PHE A 405 3.96 -21.28 8.00
N LYS A 406 5.14 -21.83 8.21
CA LYS A 406 5.90 -22.27 7.06
C LYS A 406 5.16 -23.36 6.23
N SER A 407 4.38 -24.24 6.89
CA SER A 407 3.66 -25.30 6.18
C SER A 407 2.39 -24.84 5.46
N LEU A 408 1.63 -23.91 6.08
CA LEU A 408 0.39 -23.33 5.52
C LEU A 408 0.68 -22.33 4.43
N PHE A 409 1.51 -21.32 4.70
CA PHE A 409 1.74 -20.27 3.68
C PHE A 409 2.64 -20.70 2.55
N ARG A 410 2.06 -21.42 1.60
CA ARG A 410 2.85 -21.86 0.43
C ARG A 410 2.08 -21.56 -0.85
N ALA A 411 2.79 -21.32 -1.95
CA ALA A 411 2.18 -21.08 -3.26
C ALA A 411 1.66 -22.38 -3.87
N SER A 412 0.89 -22.29 -4.96
CA SER A 412 0.15 -23.46 -5.45
C SER A 412 1.08 -24.59 -5.92
N ASP A 413 2.21 -24.20 -6.49
CA ASP A 413 3.23 -25.14 -6.93
C ASP A 413 4.25 -25.54 -5.83
N GLU A 414 3.87 -25.50 -4.55
CA GLU A 414 4.85 -25.63 -3.46
C GLU A 414 4.34 -26.48 -2.33
N SER A 415 3.05 -26.86 -2.37
CA SER A 415 2.34 -27.30 -1.15
C SER A 415 3.07 -28.46 -0.49
N VAL A 416 2.88 -28.64 0.83
CA VAL A 416 3.38 -29.84 1.56
C VAL A 416 2.26 -30.55 2.34
N LEU A 417 1.00 -30.22 2.04
CA LEU A 417 -0.13 -30.69 2.86
C LEU A 417 -1.42 -30.80 2.07
N SER A 418 -1.79 -32.02 1.72
CA SER A 418 -3.12 -32.32 1.20
C SER A 418 -4.11 -32.07 2.32
N MET A 419 -5.33 -31.69 1.97
CA MET A 419 -6.39 -31.49 2.95
C MET A 419 -7.14 -32.81 3.10
N HIS A 420 -6.43 -33.86 2.67
CA HIS A 420 -7.04 -35.12 2.40
C HIS A 420 -7.01 -36.08 3.57
N LYS A 421 -8.18 -36.55 3.95
CA LYS A 421 -8.30 -37.46 5.07
C LYS A 421 -7.42 -37.02 6.27
N VAL A 422 -7.61 -35.77 6.69
CA VAL A 422 -6.90 -35.18 7.83
C VAL A 422 -7.26 -35.85 9.16
N CYS A 423 -8.54 -36.17 9.33
CA CYS A 423 -9.01 -36.87 10.52
C CYS A 423 -8.38 -38.28 10.63
N GLU A 424 -8.46 -39.03 9.52
CA GLU A 424 -7.91 -40.38 9.39
C GLU A 424 -6.40 -40.36 9.72
N ALA A 425 -5.66 -39.50 9.04
CA ALA A 425 -4.25 -39.28 9.28
C ALA A 425 -3.96 -38.88 10.71
N GLY A 426 -4.89 -38.22 11.38
CA GLY A 426 -4.66 -37.78 12.75
C GLY A 426 -4.10 -36.38 12.95
N GLY A 427 -3.82 -35.66 11.87
CA GLY A 427 -3.42 -34.25 12.01
C GLY A 427 -3.20 -33.58 10.67
N LEU A 428 -3.06 -32.27 10.68
CA LEU A 428 -2.93 -31.55 9.44
C LEU A 428 -1.49 -31.62 8.91
N PHE A 429 -0.54 -31.91 9.80
CA PHE A 429 0.89 -31.94 9.45
C PHE A 429 1.51 -33.33 9.54
N VAL A 430 0.73 -34.33 9.89
CA VAL A 430 1.28 -35.68 10.13
C VAL A 430 2.21 -36.17 9.05
N ASN A 431 1.95 -35.80 7.79
CA ASN A 431 2.84 -36.19 6.71
C ASN A 431 3.47 -35.00 5.98
N SER A 432 3.88 -33.99 6.74
CA SER A 432 4.67 -32.90 6.20
C SER A 432 5.93 -32.64 7.08
N PRO A 433 6.97 -31.93 6.56
CA PRO A 433 8.31 -31.95 7.22
C PRO A 433 8.37 -31.28 8.60
N GLU A 434 9.45 -31.54 9.34
CA GLU A 434 9.70 -30.85 10.61
C GLU A 434 10.07 -29.45 10.29
N GLU A 435 11.04 -29.33 9.39
CA GLU A 435 11.53 -28.03 9.03
C GLU A 435 11.29 -27.76 7.54
N PRO A 436 10.09 -27.25 7.17
CA PRO A 436 9.80 -27.04 5.75
C PRO A 436 10.68 -25.94 5.25
N SER A 437 10.91 -25.92 3.94
CA SER A 437 11.58 -24.80 3.31
C SER A 437 10.68 -23.54 3.39
N LEU A 438 11.26 -22.39 3.09
CA LEU A 438 10.56 -21.12 3.06
C LEU A 438 9.86 -20.99 1.73
N SER A 439 8.60 -20.60 1.71
CA SER A 439 7.90 -20.37 0.44
C SER A 439 8.45 -19.13 -0.26
N ARG A 440 8.33 -19.09 -1.60
CA ARG A 440 8.79 -17.91 -2.37
C ARG A 440 7.91 -16.74 -2.04
N MET A 441 6.74 -17.02 -1.46
CA MET A 441 5.82 -15.95 -1.11
C MET A 441 6.21 -15.18 0.11
N VAL A 442 7.04 -15.75 0.99
CA VAL A 442 7.29 -15.18 2.34
C VAL A 442 8.79 -15.13 2.79
N THR A 443 9.28 -14.01 3.31
CA THR A 443 10.65 -14.03 3.84
C THR A 443 10.65 -14.67 5.22
N GLU A 444 11.83 -14.90 5.79
CA GLU A 444 11.89 -15.54 7.09
C GLU A 444 11.33 -14.56 8.13
N GLU A 445 11.62 -13.26 7.97
CA GLU A 445 11.16 -12.21 8.91
C GLU A 445 9.66 -12.20 8.94
N GLU A 446 9.03 -12.32 7.78
CA GLU A 446 7.57 -12.27 7.77
C GLU A 446 6.92 -13.47 8.52
N ILE A 447 7.47 -14.68 8.35
CA ILE A 447 7.01 -15.85 9.09
C ILE A 447 7.12 -15.51 10.58
N GLN A 448 8.21 -14.85 10.98
CA GLN A 448 8.45 -14.61 12.41
C GLN A 448 7.46 -13.62 13.06
N PHE A 449 7.08 -12.57 12.33
CA PHE A 449 5.96 -11.73 12.77
C PHE A 449 4.68 -12.53 13.09
N TYR A 450 4.26 -13.40 12.17
CA TYR A 450 3.10 -14.20 12.43
C TYR A 450 3.32 -15.02 13.69
N VAL A 451 4.48 -15.66 13.81
CA VAL A 451 4.80 -16.52 14.93
C VAL A 451 4.61 -15.73 16.23
N GLN A 452 5.20 -14.54 16.27
CA GLN A 452 5.15 -13.66 17.42
C GLN A 452 3.71 -13.27 17.76
N GLN A 453 2.91 -12.94 16.76
CA GLN A 453 1.50 -12.64 16.99
C GLN A 453 0.78 -13.82 17.66
N PHE A 454 0.99 -14.99 17.11
CA PHE A 454 0.32 -16.15 17.62
C PHE A 454 0.83 -16.66 19.02
N LYS A 455 1.92 -16.08 19.51
CA LYS A 455 2.35 -16.34 20.86
C LYS A 455 1.41 -15.73 21.87
N LYS A 456 0.74 -14.62 21.50
CA LYS A 456 -0.21 -13.98 22.42
C LYS A 456 -1.39 -14.93 22.75
N SER A 457 -2.09 -15.49 21.77
CA SER A 457 -3.26 -16.25 22.17
C SER A 457 -3.37 -17.63 21.57
N GLY A 458 -2.42 -18.04 20.76
CA GLY A 458 -2.53 -19.28 20.05
C GLY A 458 -3.82 -19.44 19.24
N PHE A 459 -4.32 -20.66 19.20
CA PHE A 459 -5.19 -21.06 18.12
C PHE A 459 -6.62 -21.32 18.54
N ARG A 460 -6.92 -21.19 19.84
CA ARG A 460 -8.29 -21.46 20.38
C ARG A 460 -9.32 -20.51 19.78
N GLY A 461 -9.07 -19.20 19.87
CA GLY A 461 -9.89 -18.21 19.16
C GLY A 461 -9.96 -18.41 17.65
N PRO A 462 -8.80 -18.53 16.98
CA PRO A 462 -8.97 -18.77 15.56
C PRO A 462 -9.79 -20.02 15.24
N LEU A 463 -9.52 -21.13 15.93
CA LEU A 463 -10.25 -22.36 15.71
C LEU A 463 -11.74 -22.22 16.04
N ASN A 464 -12.05 -21.50 17.09
CA ASN A 464 -13.47 -21.32 17.42
C ASN A 464 -14.38 -20.81 16.29
N TRP A 465 -13.81 -20.09 15.32
CA TRP A 465 -14.55 -19.57 14.15
C TRP A 465 -15.25 -20.70 13.38
N TYR A 466 -14.52 -21.83 13.23
CA TYR A 466 -15.02 -23.10 12.73
C TYR A 466 -15.95 -23.90 13.64
N ARG A 467 -16.15 -23.45 14.87
CA ARG A 467 -16.92 -24.29 15.80
C ARG A 467 -18.33 -23.78 16.05
N ASN A 468 -18.89 -22.99 15.14
CA ASN A 468 -20.31 -22.57 15.28
C ASN A 468 -21.15 -22.96 14.08
N MET A 469 -20.86 -24.12 13.49
CA MET A 469 -21.52 -24.54 12.28
C MET A 469 -23.05 -24.40 12.43
N GLU A 470 -23.61 -24.97 13.50
CA GLU A 470 -25.08 -24.96 13.75
C GLU A 470 -25.70 -23.57 13.98
N ARG A 471 -25.04 -22.76 14.80
CA ARG A 471 -25.50 -21.42 15.15
C ARG A 471 -25.50 -20.53 13.93
N ASN A 472 -24.44 -20.63 13.12
CA ASN A 472 -24.31 -19.83 11.92
C ASN A 472 -25.38 -20.27 10.93
N TRP A 473 -25.58 -21.59 10.79
CA TRP A 473 -26.63 -22.11 9.92
C TRP A 473 -27.99 -21.52 10.33
N LYS A 474 -28.36 -21.68 11.60
CA LYS A 474 -29.65 -21.13 12.05
C LYS A 474 -29.83 -19.65 11.73
N TRP A 475 -28.81 -18.83 12.01
CA TRP A 475 -28.85 -17.37 11.81
C TRP A 475 -28.94 -17.08 10.29
N ALA A 476 -28.16 -17.81 9.51
CA ALA A 476 -28.08 -17.60 8.08
C ALA A 476 -29.46 -17.87 7.46
N CYS A 477 -30.20 -18.82 8.06
CA CYS A 477 -31.51 -19.22 7.55
C CYS A 477 -32.50 -18.04 7.57
N LYS A 478 -32.26 -17.12 8.51
CA LYS A 478 -33.01 -15.84 8.58
C LYS A 478 -32.88 -14.90 7.36
N SER A 479 -31.92 -15.17 6.48
CA SER A 479 -31.56 -14.26 5.41
C SER A 479 -31.89 -14.90 4.08
N LEU A 480 -32.56 -16.06 4.12
CA LEU A 480 -32.89 -16.84 2.90
C LEU A 480 -33.80 -16.09 1.95
N GLY A 481 -34.65 -15.19 2.46
CA GLY A 481 -35.48 -14.40 1.54
C GLY A 481 -34.88 -13.15 0.88
N ARG A 482 -33.61 -12.86 1.17
CA ARG A 482 -33.03 -11.59 0.78
C ARG A 482 -32.15 -11.76 -0.44
N LYS A 483 -31.76 -10.65 -1.04
CA LYS A 483 -30.72 -10.68 -2.06
C LYS A 483 -29.74 -9.60 -1.64
N ILE A 484 -28.50 -9.70 -2.10
CA ILE A 484 -27.49 -8.65 -1.88
C ILE A 484 -27.48 -7.74 -3.10
N LEU A 485 -27.81 -6.49 -2.85
CA LEU A 485 -28.13 -5.55 -3.92
C LEU A 485 -27.28 -4.31 -3.77
N ILE A 486 -26.40 -4.29 -2.78
CA ILE A 486 -25.36 -3.26 -2.71
C ILE A 486 -24.15 -3.68 -3.58
N PRO A 487 -23.24 -2.74 -3.90
CA PRO A 487 -22.17 -3.19 -4.83
C PRO A 487 -21.30 -4.29 -4.23
N ALA A 488 -20.89 -5.25 -5.07
CA ALA A 488 -20.30 -6.52 -4.62
C ALA A 488 -19.35 -7.09 -5.66
N LEU A 489 -18.22 -7.59 -5.20
CA LEU A 489 -17.14 -8.10 -6.04
C LEU A 489 -16.76 -9.44 -5.49
N MET A 490 -16.52 -10.39 -6.38
CA MET A 490 -16.10 -11.71 -5.97
C MET A 490 -14.83 -12.01 -6.71
N VAL A 491 -13.74 -12.26 -6.01
CA VAL A 491 -12.48 -12.55 -6.71
C VAL A 491 -12.19 -14.00 -6.49
N THR A 492 -12.17 -14.77 -7.58
CA THR A 492 -11.80 -16.19 -7.48
C THR A 492 -10.28 -16.38 -7.74
N ALA A 493 -9.71 -17.38 -7.05
CA ALA A 493 -8.28 -17.69 -7.15
C ALA A 493 -8.13 -19.04 -7.86
N GLU A 494 -7.54 -19.08 -9.06
CA GLU A 494 -7.62 -20.28 -9.89
C GLU A 494 -7.24 -21.56 -9.16
N LYS A 495 -6.19 -21.50 -8.35
CA LYS A 495 -5.59 -22.70 -7.75
C LYS A 495 -5.81 -22.86 -6.27
N ASP A 496 -6.89 -22.24 -5.79
CA ASP A 496 -7.25 -22.42 -4.39
C ASP A 496 -7.97 -23.75 -4.38
N PHE A 497 -7.38 -24.72 -3.70
CA PHE A 497 -7.91 -26.04 -3.80
C PHE A 497 -8.91 -26.34 -2.70
N VAL A 498 -9.15 -25.35 -1.85
CA VAL A 498 -10.07 -25.48 -0.73
C VAL A 498 -11.34 -24.66 -1.05
N LEU A 499 -11.13 -23.39 -1.42
CA LEU A 499 -12.20 -22.53 -1.93
C LEU A 499 -12.04 -22.43 -3.44
N VAL A 500 -12.45 -23.49 -4.14
CA VAL A 500 -12.25 -23.55 -5.58
C VAL A 500 -13.19 -22.53 -6.26
N PRO A 501 -12.75 -21.92 -7.39
CA PRO A 501 -13.56 -20.96 -8.15
C PRO A 501 -15.00 -21.43 -8.46
N GLN A 502 -15.19 -22.72 -8.79
CA GLN A 502 -16.52 -23.21 -9.18
C GLN A 502 -17.52 -23.20 -8.02
N MET A 503 -17.02 -23.21 -6.80
CA MET A 503 -17.91 -23.06 -5.65
C MET A 503 -18.64 -21.73 -5.72
N SER A 504 -18.12 -20.75 -6.47
CA SER A 504 -18.78 -19.43 -6.60
C SER A 504 -19.79 -19.31 -7.75
N GLN A 505 -19.94 -20.38 -8.55
CA GLN A 505 -20.74 -20.35 -9.79
C GLN A 505 -22.24 -19.97 -9.68
N HIS A 506 -22.87 -20.16 -8.54
CA HIS A 506 -24.28 -19.80 -8.49
C HIS A 506 -24.56 -18.42 -7.96
N MET A 507 -23.50 -17.71 -7.59
CA MET A 507 -23.63 -16.49 -6.79
C MET A 507 -24.55 -15.42 -7.38
N GLU A 508 -24.56 -15.26 -8.71
CA GLU A 508 -25.50 -14.31 -9.33
C GLU A 508 -26.98 -14.53 -8.98
N ASP A 509 -27.43 -15.74 -8.62
CA ASP A 509 -28.83 -15.88 -8.13
C ASP A 509 -29.11 -15.07 -6.86
N TRP A 510 -28.08 -14.82 -6.05
CA TRP A 510 -28.27 -14.16 -4.77
C TRP A 510 -27.86 -12.71 -4.82
N ILE A 511 -27.01 -12.43 -5.80
CA ILE A 511 -26.35 -11.14 -5.98
C ILE A 511 -26.37 -10.77 -7.47
N PRO A 512 -27.53 -10.31 -7.99
CA PRO A 512 -27.69 -10.15 -9.45
C PRO A 512 -26.70 -9.21 -10.14
N HIS A 513 -26.20 -8.19 -9.46
CA HIS A 513 -25.23 -7.28 -10.10
C HIS A 513 -23.79 -7.47 -9.64
N LEU A 514 -23.55 -8.68 -9.12
CA LEU A 514 -22.24 -9.09 -8.68
C LEU A 514 -21.20 -8.81 -9.76
N LYS A 515 -20.07 -8.21 -9.38
CA LYS A 515 -18.92 -8.04 -10.26
C LYS A 515 -17.87 -9.07 -9.92
N ARG A 516 -16.95 -9.34 -10.87
CA ARG A 516 -16.01 -10.42 -10.69
C ARG A 516 -14.57 -10.04 -11.01
N GLY A 517 -13.62 -10.70 -10.38
CA GLY A 517 -12.25 -10.75 -10.90
C GLY A 517 -11.81 -12.19 -10.77
N HIS A 518 -10.75 -12.54 -11.46
CA HIS A 518 -10.25 -13.92 -11.39
C HIS A 518 -8.73 -13.81 -11.46
N ILE A 519 -8.03 -14.64 -10.71
CA ILE A 519 -6.56 -14.57 -10.69
C ILE A 519 -6.01 -15.95 -11.00
N GLU A 520 -5.19 -15.99 -12.03
CA GLU A 520 -4.67 -17.23 -12.47
C GLU A 520 -3.43 -17.55 -11.73
N ASP A 521 -3.25 -18.85 -11.53
CA ASP A 521 -2.04 -19.41 -11.00
C ASP A 521 -1.89 -18.89 -9.59
N CYS A 522 -3.01 -18.77 -8.88
CA CYS A 522 -3.02 -18.15 -7.57
C CYS A 522 -3.61 -19.11 -6.56
N GLY A 523 -2.85 -19.41 -5.50
CA GLY A 523 -3.26 -20.35 -4.48
C GLY A 523 -4.18 -19.71 -3.47
N HIS A 524 -4.30 -20.35 -2.30
CA HIS A 524 -5.26 -19.91 -1.28
C HIS A 524 -4.90 -18.58 -0.60
N TRP A 525 -3.60 -18.30 -0.49
CA TRP A 525 -3.11 -17.10 0.19
C TRP A 525 -3.07 -15.93 -0.79
N THR A 526 -4.25 -15.54 -1.28
CA THR A 526 -4.38 -14.60 -2.37
C THR A 526 -3.50 -13.33 -2.26
N GLN A 527 -3.53 -12.70 -1.08
CA GLN A 527 -3.01 -11.35 -0.97
C GLN A 527 -1.50 -11.36 -1.11
N MET A 528 -0.84 -12.44 -0.73
CA MET A 528 0.62 -12.46 -0.76
C MET A 528 1.20 -13.30 -1.92
N ASP A 529 0.32 -14.04 -2.61
CA ASP A 529 0.65 -14.90 -3.74
C ASP A 529 0.70 -14.03 -4.95
N LYS A 530 -0.30 -13.15 -5.12
CA LYS A 530 -0.44 -12.29 -6.29
C LYS A 530 -0.83 -10.86 -5.88
N PRO A 531 0.03 -10.22 -5.06
CA PRO A 531 -0.30 -8.87 -4.52
C PRO A 531 -0.61 -7.84 -5.61
N THR A 532 0.21 -7.80 -6.65
CA THR A 532 -0.02 -6.82 -7.73
C THR A 532 -1.41 -6.96 -8.39
N GLU A 533 -1.80 -8.20 -8.64
CA GLU A 533 -3.03 -8.42 -9.38
C GLU A 533 -4.21 -8.13 -8.46
N VAL A 534 -4.11 -8.57 -7.20
CA VAL A 534 -5.07 -8.15 -6.17
C VAL A 534 -5.24 -6.64 -6.09
N ASN A 535 -4.15 -5.93 -5.84
CA ASN A 535 -4.23 -4.46 -5.80
C ASN A 535 -4.96 -3.87 -7.03
N GLN A 536 -4.62 -4.33 -8.24
CA GLN A 536 -5.21 -3.71 -9.43
C GLN A 536 -6.75 -3.92 -9.49
N ILE A 537 -7.18 -5.15 -9.24
CA ILE A 537 -8.61 -5.51 -9.23
C ILE A 537 -9.39 -4.77 -8.13
N LEU A 538 -8.80 -4.65 -6.91
CA LEU A 538 -9.48 -3.93 -5.84
C LEU A 538 -9.62 -2.42 -6.09
N ILE A 539 -8.61 -1.78 -6.68
CA ILE A 539 -8.64 -0.32 -6.85
C ILE A 539 -9.59 0.03 -7.98
N LYS A 540 -9.50 -0.73 -9.06
CA LYS A 540 -10.38 -0.55 -10.19
C LYS A 540 -11.85 -0.69 -9.73
N TRP A 541 -12.16 -1.77 -9.03
CA TRP A 541 -13.49 -1.93 -8.41
C TRP A 541 -13.84 -0.81 -7.43
N LEU A 542 -12.94 -0.49 -6.49
CA LEU A 542 -13.26 0.66 -5.58
C LEU A 542 -13.59 1.96 -6.33
N ASP A 543 -12.71 2.37 -7.24
CA ASP A 543 -12.89 3.59 -8.06
C ASP A 543 -14.16 3.57 -8.86
N SER A 544 -14.61 2.41 -9.32
CA SER A 544 -15.86 2.37 -10.05
C SER A 544 -17.15 2.19 -9.22
N ASP A 545 -17.12 1.39 -8.16
CA ASP A 545 -18.34 1.05 -7.43
C ASP A 545 -18.51 1.58 -6.02
N ALA A 546 -17.44 2.15 -5.47
CA ALA A 546 -17.39 2.49 -4.03
C ALA A 546 -17.12 3.98 -3.79
N ARG A 547 -16.74 4.66 -4.85
CA ARG A 547 -16.32 6.04 -4.83
C ARG A 547 -17.44 6.91 -5.43
MG MG B . 16.49 20.24 -11.25
C16 49Z C . -6.12 -24.99 6.99
C17 49Z C . -5.22 -25.00 5.96
C14 49Z C . -7.13 -24.05 7.06
C13 49Z C . -5.30 -24.07 4.95
C4 49Z C . -15.21 -21.94 5.51
C5 49Z C . -14.00 -22.54 5.16
C7 49Z C . -7.24 -23.11 6.06
C6 49Z C . -6.31 -23.13 5.02
C3 49Z C . -15.16 -20.58 5.36
C2 49Z C . -13.01 -21.66 4.75
C11 49Z C . -16.20 -19.60 5.62
C12 49Z C . -8.33 -22.09 6.09
C10 49Z C . -11.63 -21.97 4.30
C15 49Z C . -9.37 -22.38 5.03
N9 49Z C . -10.70 -21.94 5.42
F8 49Z C . -6.40 -22.22 4.04
S1 49Z C . -13.62 -20.07 4.77
#